data_6EYH
#
_entry.id   6EYH
#
_cell.length_a   29.770
_cell.length_b   65.890
_cell.length_c   63.580
_cell.angle_alpha   90.00
_cell.angle_beta   92.14
_cell.angle_gamma   90.00
#
_symmetry.space_group_name_H-M   'P 1 21 1'
#
loop_
_entity.id
_entity.type
_entity.pdbx_description
1 polymer 'Choline binding protein OpuBC'
2 non-polymer '3-(dimethyl-lambda~4~-sulfanyl)propanoic acid'
3 water water
#
_entity_poly.entity_id   1
_entity_poly.type   'polypeptide(L)'
_entity_poly.pdbx_seq_one_letter_code
;MKRKYLKLMIGLALAATLTLSGCSLPGLSAAADQTIKIGAQSMSESEIIASMLGQLIEHHTDLKTTTIKNLGSNAVQQQA
LMNGEIDIAATRYTGTALTGTLRMEPEKDPDKALALTQREFKKRYDLKWYDSYGFDNTYAFTVSKELADQYHLETVSDVK
KWAPQLKLGVDNYWMKLKGNGYQDFTKTYGMTFGGTYPMQIGLVYDAVKSGKMDIVLAYSTDGRIKSYGLKMLKDDKQFF
PPYDCSPVVPEKVLKEHPELEGIIKKMLGKIDTATMQELNYEVDGNLKEPSVVAKEYLEKHRYFES
;
_entity_poly.pdbx_strand_id   A
#
loop_
_chem_comp.id
_chem_comp.type
_chem_comp.name
_chem_comp.formula
DQY non-polymer '3-(dimethyl-lambda~4~-sulfanyl)propanoic acid' 'C5 H12 O2 S'
#
# COMPACT_ATOMS: atom_id res chain seq x y z
N GLY A 27 4.89 -35.37 -1.66
CA GLY A 27 4.52 -35.45 -0.22
C GLY A 27 5.34 -34.48 0.60
N LEU A 28 5.21 -34.61 1.92
CA LEU A 28 5.78 -33.57 2.83
C LEU A 28 7.28 -33.42 2.76
N SER A 29 7.97 -34.54 2.43
CA SER A 29 9.41 -34.57 2.49
C SER A 29 9.96 -33.77 1.30
N ALA A 30 9.10 -33.48 0.30
CA ALA A 30 9.42 -32.57 -0.85
C ALA A 30 9.15 -31.07 -0.57
N ALA A 31 8.51 -30.74 0.56
CA ALA A 31 8.02 -29.39 0.83
C ALA A 31 9.16 -28.38 0.63
N ALA A 32 10.35 -28.74 1.10
CA ALA A 32 11.49 -27.81 1.09
C ALA A 32 12.05 -27.55 -0.32
N ASP A 33 11.59 -28.31 -1.31
CA ASP A 33 11.95 -28.09 -2.72
C ASP A 33 10.92 -27.27 -3.49
N GLN A 34 9.81 -26.86 -2.83
CA GLN A 34 8.77 -26.03 -3.46
C GLN A 34 9.25 -24.56 -3.52
N THR A 35 8.80 -23.85 -4.53
CA THR A 35 9.14 -22.41 -4.67
C THR A 35 8.04 -21.59 -4.04
N ILE A 36 8.47 -20.57 -3.30
CA ILE A 36 7.52 -19.71 -2.61
C ILE A 36 7.28 -18.53 -3.56
N LYS A 37 6.04 -18.41 -4.05
N LYS A 37 6.03 -18.38 -3.99
CA LYS A 37 5.66 -17.39 -5.03
CA LYS A 37 5.64 -17.41 -5.00
C LYS A 37 5.11 -16.19 -4.27
C LYS A 37 5.09 -16.18 -4.27
N ILE A 38 5.75 -15.04 -4.47
CA ILE A 38 5.44 -13.86 -3.65
C ILE A 38 4.80 -12.85 -4.56
N GLY A 39 3.57 -12.50 -4.27
CA GLY A 39 2.87 -11.54 -5.16
C GLY A 39 3.18 -10.09 -4.91
N ALA A 40 3.23 -9.33 -6.00
CA ALA A 40 3.34 -7.87 -5.95
C ALA A 40 2.25 -7.24 -6.76
N GLN A 41 1.61 -6.24 -6.17
CA GLN A 41 0.68 -5.38 -6.92
C GLN A 41 1.46 -4.45 -7.87
N SER A 42 0.75 -3.81 -8.81
N SER A 42 0.78 -3.85 -8.84
CA SER A 42 1.33 -2.80 -9.73
CA SER A 42 1.42 -2.98 -9.81
C SER A 42 1.66 -1.44 -9.06
C SER A 42 1.84 -1.58 -9.24
N MET A 43 2.71 -1.51 -8.27
N MET A 43 2.48 -1.53 -8.04
CA MET A 43 3.17 -0.37 -7.55
CA MET A 43 3.07 -0.32 -7.40
C MET A 43 4.62 -0.64 -7.28
C MET A 43 4.56 -0.57 -7.06
N SER A 44 5.41 0.44 -7.26
CA SER A 44 6.86 0.28 -6.90
C SER A 44 7.00 -0.29 -5.48
N GLU A 45 6.22 0.24 -4.54
CA GLU A 45 6.32 -0.16 -3.14
C GLU A 45 6.12 -1.67 -3.03
N SER A 46 5.16 -2.25 -3.76
CA SER A 46 4.89 -3.68 -3.60
C SER A 46 6.04 -4.53 -4.18
N GLU A 47 6.62 -4.06 -5.28
CA GLU A 47 7.83 -4.74 -5.90
C GLU A 47 9.01 -4.70 -4.96
N ILE A 48 9.21 -3.54 -4.31
CA ILE A 48 10.36 -3.42 -3.37
C ILE A 48 10.17 -4.39 -2.19
N ILE A 49 8.98 -4.38 -1.60
CA ILE A 49 8.75 -5.25 -0.40
C ILE A 49 8.76 -6.75 -0.78
N ALA A 50 8.16 -7.09 -1.95
CA ALA A 50 8.12 -8.51 -2.38
C ALA A 50 9.56 -9.00 -2.62
N SER A 51 10.43 -8.15 -3.21
CA SER A 51 11.88 -8.48 -3.38
C SER A 51 12.60 -8.64 -2.02
N MET A 52 12.29 -7.72 -1.14
CA MET A 52 12.99 -7.67 0.12
C MET A 52 12.62 -8.95 0.95
N LEU A 53 11.34 -9.32 0.97
CA LEU A 53 10.90 -10.52 1.71
C LEU A 53 11.47 -11.77 1.03
N GLY A 54 11.45 -11.86 -0.33
CA GLY A 54 12.02 -13.04 -1.01
C GLY A 54 13.51 -13.17 -0.68
N GLN A 55 14.24 -12.05 -0.66
CA GLN A 55 15.69 -12.09 -0.35
C GLN A 55 15.90 -12.48 1.10
N LEU A 56 15.04 -12.05 1.99
CA LEU A 56 15.21 -12.41 3.41
C LEU A 56 14.90 -13.86 3.63
N ILE A 57 13.91 -14.40 2.92
CA ILE A 57 13.65 -15.81 3.01
C ILE A 57 14.85 -16.66 2.51
N GLU A 58 15.46 -16.24 1.40
CA GLU A 58 16.60 -16.99 0.83
C GLU A 58 17.85 -16.80 1.73
N HIS A 59 17.95 -15.69 2.45
CA HIS A 59 19.04 -15.42 3.44
C HIS A 59 19.02 -16.45 4.56
N HIS A 60 17.82 -16.89 4.90
CA HIS A 60 17.59 -17.75 6.08
C HIS A 60 17.33 -19.19 5.85
N THR A 61 16.93 -19.56 4.65
CA THR A 61 16.55 -20.95 4.34
C THR A 61 17.06 -21.39 2.99
N ASP A 62 16.82 -22.66 2.60
CA ASP A 62 17.10 -23.13 1.25
C ASP A 62 15.89 -23.11 0.30
N LEU A 63 14.84 -22.38 0.66
CA LEU A 63 13.67 -22.22 -0.18
C LEU A 63 14.00 -21.29 -1.37
N LYS A 64 13.56 -21.71 -2.56
CA LYS A 64 13.59 -20.82 -3.70
C LYS A 64 12.35 -19.92 -3.62
N THR A 65 12.52 -18.70 -4.12
CA THR A 65 11.37 -17.74 -4.13
C THR A 65 11.31 -17.12 -5.51
N THR A 66 10.07 -16.79 -5.94
CA THR A 66 9.89 -15.99 -7.16
C THR A 66 8.90 -14.88 -6.90
N THR A 67 8.90 -13.87 -7.78
CA THR A 67 7.96 -12.71 -7.59
C THR A 67 6.92 -12.75 -8.72
N ILE A 68 5.65 -12.71 -8.37
CA ILE A 68 4.52 -12.73 -9.34
C ILE A 68 4.06 -11.29 -9.35
N LYS A 69 4.52 -10.54 -10.35
CA LYS A 69 4.26 -9.13 -10.48
C LYS A 69 3.04 -8.69 -11.18
N ASN A 70 2.70 -7.41 -11.03
CA ASN A 70 1.56 -6.83 -11.80
C ASN A 70 0.19 -7.28 -11.45
N LEU A 71 0.02 -7.74 -10.22
CA LEU A 71 -1.36 -8.06 -9.80
C LEU A 71 -2.08 -6.70 -9.70
N GLY A 72 -3.26 -6.60 -10.25
CA GLY A 72 -3.78 -5.28 -10.41
C GLY A 72 -4.32 -4.53 -9.23
N SER A 73 -4.66 -5.22 -8.17
CA SER A 73 -5.53 -4.64 -7.14
C SER A 73 -5.61 -5.55 -5.95
N ASN A 74 -6.17 -5.00 -4.87
CA ASN A 74 -6.48 -5.82 -3.68
C ASN A 74 -7.25 -7.09 -4.05
N ALA A 75 -8.30 -6.93 -4.85
CA ALA A 75 -9.16 -8.05 -5.25
C ALA A 75 -8.41 -9.12 -6.00
N VAL A 76 -7.51 -8.71 -6.91
CA VAL A 76 -6.69 -9.72 -7.56
C VAL A 76 -5.70 -10.42 -6.59
N GLN A 77 -5.02 -9.66 -5.72
CA GLN A 77 -4.23 -10.37 -4.71
C GLN A 77 -5.03 -11.37 -3.89
N GLN A 78 -6.26 -11.01 -3.46
CA GLN A 78 -7.13 -11.92 -2.75
C GLN A 78 -7.39 -13.21 -3.46
N GLN A 79 -7.79 -13.10 -4.75
CA GLN A 79 -8.14 -14.31 -5.51
C GLN A 79 -6.86 -15.16 -5.75
N ALA A 80 -5.70 -14.52 -5.95
CA ALA A 80 -4.43 -15.25 -6.18
C ALA A 80 -4.02 -15.99 -4.92
N LEU A 81 -4.35 -15.48 -3.75
CA LEU A 81 -4.11 -16.22 -2.52
C LEU A 81 -5.02 -17.42 -2.36
N MET A 82 -6.25 -17.28 -2.81
CA MET A 82 -7.21 -18.34 -2.59
C MET A 82 -7.09 -19.39 -3.65
N ASN A 83 -6.48 -19.10 -4.78
CA ASN A 83 -6.41 -20.07 -5.90
C ASN A 83 -5.01 -20.67 -6.10
N GLY A 84 -4.07 -20.35 -5.19
CA GLY A 84 -2.68 -20.88 -5.40
C GLY A 84 -1.72 -20.19 -6.30
N GLU A 85 -2.14 -19.07 -6.90
N GLU A 85 -2.14 -19.09 -6.94
CA GLU A 85 -1.29 -18.32 -7.83
CA GLU A 85 -1.26 -18.36 -7.84
C GLU A 85 -0.15 -17.65 -7.05
C GLU A 85 -0.11 -17.78 -7.01
N ILE A 86 -0.40 -17.31 -5.79
CA ILE A 86 0.69 -16.77 -4.92
C ILE A 86 0.59 -17.46 -3.57
N ASP A 87 1.74 -17.65 -2.92
CA ASP A 87 1.85 -18.18 -1.62
C ASP A 87 1.98 -17.11 -0.55
N ILE A 88 2.44 -15.91 -0.92
CA ILE A 88 2.48 -14.78 -0.01
C ILE A 88 2.04 -13.53 -0.73
N ALA A 89 1.10 -12.74 -0.15
CA ALA A 89 0.87 -11.40 -0.73
C ALA A 89 1.81 -10.46 -0.02
N ALA A 90 2.73 -9.79 -0.70
CA ALA A 90 3.74 -9.00 0.02
C ALA A 90 3.15 -7.77 0.69
N THR A 91 2.29 -7.02 0.00
CA THR A 91 1.73 -5.82 0.61
C THR A 91 0.21 -5.79 0.42
N ARG A 92 -0.49 -5.94 1.54
CA ARG A 92 -1.94 -5.60 1.60
C ARG A 92 -2.18 -4.54 2.67
N TYR A 93 -3.32 -3.82 2.52
CA TYR A 93 -3.54 -2.60 3.31
C TYR A 93 -4.84 -2.75 4.03
N THR A 94 -4.87 -2.48 5.34
CA THR A 94 -6.08 -2.73 6.14
C THR A 94 -7.38 -2.08 5.66
N GLY A 95 -7.30 -0.75 5.48
CA GLY A 95 -8.47 0.02 5.03
C GLY A 95 -9.02 -0.55 3.71
N THR A 96 -8.12 -1.01 2.81
CA THR A 96 -8.53 -1.54 1.50
C THR A 96 -9.26 -2.88 1.64
N ALA A 97 -8.68 -3.74 2.44
CA ALA A 97 -9.18 -5.10 2.56
C ALA A 97 -10.49 -5.10 3.42
N LEU A 98 -10.54 -4.25 4.44
CA LEU A 98 -11.79 -4.09 5.26
C LEU A 98 -13.08 -3.84 4.51
N THR A 99 -13.01 -2.84 3.64
CA THR A 99 -14.09 -2.34 2.77
C THR A 99 -14.14 -3.30 1.59
N GLY A 100 -13.00 -3.52 0.93
CA GLY A 100 -13.06 -4.16 -0.39
C GLY A 100 -13.23 -5.65 -0.34
N THR A 101 -12.46 -6.35 0.49
CA THR A 101 -12.61 -7.84 0.56
C THR A 101 -13.71 -8.27 1.56
N LEU A 102 -13.69 -7.69 2.75
CA LEU A 102 -14.55 -8.20 3.85
C LEU A 102 -15.93 -7.57 3.70
N ARG A 103 -16.02 -6.46 2.93
CA ARG A 103 -17.28 -5.71 2.81
C ARG A 103 -17.84 -5.25 4.19
N MET A 104 -16.93 -4.85 5.08
CA MET A 104 -17.31 -4.28 6.39
C MET A 104 -17.30 -2.73 6.32
N GLU A 105 -17.96 -2.11 7.31
CA GLU A 105 -17.95 -0.67 7.47
C GLU A 105 -16.54 -0.28 7.81
N PRO A 106 -16.02 0.83 7.25
CA PRO A 106 -14.63 1.25 7.50
C PRO A 106 -14.33 1.66 8.93
N GLU A 107 -13.50 0.89 9.57
CA GLU A 107 -13.10 1.14 10.94
C GLU A 107 -12.03 2.23 10.88
N LYS A 108 -12.13 3.28 11.71
CA LYS A 108 -11.19 4.42 11.61
C LYS A 108 -9.96 4.35 12.53
N ASP A 109 -10.02 3.57 13.60
CA ASP A 109 -8.89 3.45 14.56
C ASP A 109 -7.92 2.46 13.91
N PRO A 110 -6.61 2.80 13.84
CA PRO A 110 -5.58 1.86 13.33
C PRO A 110 -5.54 0.52 14.04
N ASP A 111 -5.46 0.53 15.37
CA ASP A 111 -5.37 -0.73 16.08
C ASP A 111 -6.62 -1.61 15.86
N LYS A 112 -7.81 -0.99 15.97
CA LYS A 112 -9.07 -1.76 15.79
C LYS A 112 -9.17 -2.27 14.37
N ALA A 113 -8.86 -1.43 13.41
CA ALA A 113 -8.99 -1.92 12.02
C ALA A 113 -8.06 -3.14 11.75
N LEU A 114 -6.84 -3.08 12.27
CA LEU A 114 -5.87 -4.18 12.05
C LEU A 114 -6.43 -5.43 12.75
N ALA A 115 -6.89 -5.25 14.00
CA ALA A 115 -7.31 -6.41 14.79
C ALA A 115 -8.52 -7.05 14.08
N LEU A 116 -9.42 -6.21 13.57
CA LEU A 116 -10.65 -6.78 12.93
C LEU A 116 -10.29 -7.50 11.64
N THR A 117 -9.41 -6.86 10.85
CA THR A 117 -8.93 -7.50 9.64
C THR A 117 -8.23 -8.85 9.88
N GLN A 118 -7.32 -8.90 10.84
CA GLN A 118 -6.61 -10.17 11.14
C GLN A 118 -7.64 -11.25 11.55
N ARG A 119 -8.57 -10.87 12.43
N ARG A 119 -8.55 -10.89 12.46
CA ARG A 119 -9.57 -11.83 12.95
CA ARG A 119 -9.59 -11.83 12.94
C ARG A 119 -10.43 -12.38 11.81
C ARG A 119 -10.39 -12.38 11.77
N GLU A 120 -10.98 -11.48 11.00
CA GLU A 120 -11.84 -11.93 9.92
C GLU A 120 -11.07 -12.67 8.83
N PHE A 121 -9.82 -12.24 8.54
CA PHE A 121 -9.05 -12.98 7.51
C PHE A 121 -8.78 -14.45 7.92
N LYS A 122 -8.52 -14.63 9.20
CA LYS A 122 -8.28 -16.01 9.70
C LYS A 122 -9.59 -16.80 9.68
N LYS A 123 -10.67 -16.16 10.19
CA LYS A 123 -11.99 -16.84 10.32
C LYS A 123 -12.54 -17.20 8.95
N ARG A 124 -12.51 -16.24 8.02
CA ARG A 124 -13.15 -16.43 6.74
C ARG A 124 -12.38 -17.24 5.67
N TYR A 125 -11.06 -17.04 5.67
CA TYR A 125 -10.21 -17.53 4.60
C TYR A 125 -9.04 -18.44 5.04
N ASP A 126 -8.84 -18.58 6.38
CA ASP A 126 -7.65 -19.24 6.92
C ASP A 126 -6.37 -18.56 6.37
N LEU A 127 -6.43 -17.24 6.31
CA LEU A 127 -5.30 -16.43 5.82
C LEU A 127 -4.76 -15.74 7.05
N LYS A 128 -3.45 -15.72 7.20
CA LYS A 128 -2.78 -14.98 8.26
C LYS A 128 -2.34 -13.60 7.80
N TRP A 129 -3.04 -12.61 8.32
CA TRP A 129 -2.69 -11.15 8.07
C TRP A 129 -1.76 -10.78 9.20
N TYR A 130 -0.51 -10.59 8.83
CA TYR A 130 0.53 -10.25 9.86
C TYR A 130 0.40 -8.86 10.41
N ASP A 131 1.06 -8.60 11.56
CA ASP A 131 1.19 -7.21 12.00
C ASP A 131 1.93 -6.41 10.89
N SER A 132 1.77 -5.09 10.96
CA SER A 132 2.28 -4.19 9.89
C SER A 132 3.79 -4.17 9.80
N TYR A 133 4.31 -3.93 8.60
CA TYR A 133 5.74 -3.62 8.46
C TYR A 133 6.08 -2.32 9.19
N GLY A 134 5.13 -1.40 9.41
CA GLY A 134 5.42 -0.14 10.13
C GLY A 134 5.00 1.12 9.43
N PHE A 135 4.48 0.97 8.20
CA PHE A 135 4.10 2.15 7.43
C PHE A 135 2.63 2.03 7.01
N ASP A 136 1.98 3.17 6.85
N ASP A 136 2.07 3.20 6.66
CA ASP A 136 0.67 3.17 6.23
CA ASP A 136 0.62 3.45 6.39
C ASP A 136 0.78 4.00 4.98
C ASP A 136 0.57 4.20 5.05
N ASN A 137 0.09 3.53 3.96
CA ASN A 137 0.09 4.15 2.66
C ASN A 137 -1.34 4.54 2.33
N THR A 138 -1.73 5.73 2.78
CA THR A 138 -3.14 6.14 2.69
C THR A 138 -3.35 6.99 1.42
N TYR A 139 -4.60 6.95 0.94
CA TYR A 139 -5.03 7.97 0.00
C TYR A 139 -4.88 9.34 0.76
N ALA A 140 -4.39 10.33 0.04
CA ALA A 140 -4.18 11.67 0.58
C ALA A 140 -4.48 12.69 -0.50
N PHE A 141 -5.39 13.62 -0.16
CA PHE A 141 -5.65 14.74 -1.07
C PHE A 141 -4.43 15.65 -1.08
N THR A 142 -3.94 15.95 -2.27
CA THR A 142 -2.58 16.54 -2.45
C THR A 142 -2.58 17.61 -3.53
N VAL A 143 -2.03 18.78 -3.17
CA VAL A 143 -1.91 19.97 -4.06
C VAL A 143 -0.48 20.42 -4.12
N SER A 144 -0.17 21.36 -5.03
CA SER A 144 1.15 21.99 -5.07
C SER A 144 1.29 22.85 -3.85
N LYS A 145 2.53 22.96 -3.38
CA LYS A 145 2.72 23.88 -2.25
C LYS A 145 2.30 25.33 -2.65
N GLU A 146 2.47 25.69 -3.92
CA GLU A 146 2.04 27.04 -4.41
C GLU A 146 0.54 27.20 -4.16
N LEU A 147 -0.27 26.24 -4.58
CA LEU A 147 -1.71 26.39 -4.35
C LEU A 147 -2.04 26.50 -2.88
N ALA A 148 -1.40 25.61 -2.08
CA ALA A 148 -1.74 25.56 -0.70
C ALA A 148 -1.39 26.89 -0.03
N ASP A 149 -0.22 27.47 -0.41
CA ASP A 149 0.23 28.77 0.18
C ASP A 149 -0.67 29.91 -0.32
N GLN A 150 -1.03 29.92 -1.59
CA GLN A 150 -1.87 31.02 -2.10
C GLN A 150 -3.29 31.08 -1.44
N TYR A 151 -3.90 29.90 -1.23
CA TYR A 151 -5.26 29.83 -0.68
C TYR A 151 -5.32 29.30 0.77
N HIS A 152 -4.16 29.26 1.47
CA HIS A 152 -4.18 28.86 2.89
C HIS A 152 -4.84 27.53 3.16
N LEU A 153 -4.52 26.55 2.32
CA LEU A 153 -5.13 25.19 2.38
C LEU A 153 -4.30 24.26 3.27
N GLU A 154 -4.92 23.76 4.34
CA GLU A 154 -4.23 22.83 5.30
C GLU A 154 -5.01 21.49 5.37
N THR A 155 -6.33 21.61 5.30
CA THR A 155 -7.16 20.46 5.51
C THR A 155 -8.03 20.22 4.26
N VAL A 156 -8.67 19.05 4.22
CA VAL A 156 -9.60 18.77 3.17
C VAL A 156 -10.83 19.62 3.30
N SER A 157 -11.29 19.84 4.51
CA SER A 157 -12.42 20.82 4.71
C SER A 157 -12.14 22.23 4.19
N ASP A 158 -10.87 22.67 4.20
CA ASP A 158 -10.49 23.99 3.59
C ASP A 158 -10.79 24.02 2.10
N VAL A 159 -10.85 22.88 1.41
N VAL A 159 -10.87 22.86 1.44
CA VAL A 159 -10.98 23.02 -0.04
CA VAL A 159 -10.98 22.86 -0.02
C VAL A 159 -12.46 23.10 -0.46
C VAL A 159 -12.46 22.97 -0.46
N LYS A 160 -13.38 22.90 0.50
CA LYS A 160 -14.80 22.79 0.17
C LYS A 160 -15.31 23.93 -0.75
N LYS A 161 -14.93 25.15 -0.39
CA LYS A 161 -15.43 26.31 -1.15
C LYS A 161 -14.83 26.44 -2.52
N TRP A 162 -13.74 25.69 -2.80
CA TRP A 162 -13.04 25.76 -4.10
C TRP A 162 -13.33 24.59 -4.98
N ALA A 163 -14.00 23.58 -4.44
CA ALA A 163 -14.08 22.27 -5.13
C ALA A 163 -14.59 22.39 -6.60
N PRO A 164 -15.63 23.21 -6.84
CA PRO A 164 -16.12 23.31 -8.25
C PRO A 164 -15.10 23.81 -9.25
N GLN A 165 -14.05 24.49 -8.77
CA GLN A 165 -13.05 25.02 -9.72
C GLN A 165 -11.79 24.23 -9.61
N LEU A 166 -11.91 22.99 -9.15
CA LEU A 166 -10.72 22.12 -9.17
C LEU A 166 -10.96 20.86 -9.98
N LYS A 167 -9.98 20.50 -10.84
CA LYS A 167 -9.83 19.14 -11.42
C LYS A 167 -9.05 18.23 -10.49
N LEU A 168 -9.69 17.09 -10.16
CA LEU A 168 -9.08 16.08 -9.25
C LEU A 168 -8.57 14.92 -10.10
N GLY A 169 -7.26 14.63 -10.06
CA GLY A 169 -6.71 13.38 -10.64
C GLY A 169 -6.71 12.25 -9.61
N VAL A 170 -7.15 11.04 -10.03
CA VAL A 170 -7.28 9.89 -9.15
C VAL A 170 -6.70 8.63 -9.84
N ASP A 171 -6.43 7.59 -9.06
CA ASP A 171 -6.02 6.29 -9.67
C ASP A 171 -7.11 5.64 -10.60
N ASN A 172 -6.72 4.60 -11.36
CA ASN A 172 -7.61 3.97 -12.37
C ASN A 172 -8.60 2.99 -11.74
N TYR A 173 -8.66 3.03 -10.41
CA TYR A 173 -9.35 2.05 -9.59
C TYR A 173 -10.31 2.70 -8.61
N TRP A 174 -10.01 3.89 -8.09
CA TRP A 174 -10.72 4.44 -6.93
C TRP A 174 -12.16 4.89 -7.17
N MET A 175 -12.46 5.33 -8.39
CA MET A 175 -13.81 5.82 -8.70
C MET A 175 -14.86 4.69 -8.68
N LYS A 176 -14.39 3.45 -8.80
CA LYS A 176 -15.28 2.30 -8.92
C LYS A 176 -15.51 1.60 -7.57
N LEU A 177 -14.94 2.14 -6.51
CA LEU A 177 -15.11 1.55 -5.20
C LEU A 177 -16.45 1.99 -4.67
N LYS A 178 -17.25 1.01 -4.27
CA LYS A 178 -18.57 1.22 -3.66
C LYS A 178 -18.41 1.65 -2.20
N GLY A 179 -17.29 1.25 -1.59
CA GLY A 179 -17.03 1.44 -0.14
C GLY A 179 -16.53 2.79 0.33
N ASN A 180 -15.22 2.97 0.47
CA ASN A 180 -14.72 4.28 0.94
C ASN A 180 -14.43 5.15 -0.24
N GLY A 181 -15.39 5.20 -1.17
CA GLY A 181 -15.14 5.72 -2.54
C GLY A 181 -15.53 7.20 -2.67
N TYR A 182 -15.51 7.68 -3.90
CA TYR A 182 -15.96 9.06 -4.18
C TYR A 182 -17.38 9.43 -3.71
N GLN A 183 -18.34 8.58 -3.97
CA GLN A 183 -19.72 8.86 -3.58
C GLN A 183 -19.90 9.12 -2.07
N ASP A 184 -19.27 8.33 -1.24
CA ASP A 184 -19.31 8.57 0.23
C ASP A 184 -18.43 9.78 0.65
N PHE A 185 -17.32 9.97 -0.05
CA PHE A 185 -16.54 11.19 0.15
C PHE A 185 -17.42 12.45 0.02
N THR A 186 -18.15 12.56 -1.09
CA THR A 186 -18.99 13.77 -1.29
C THR A 186 -20.04 13.94 -0.23
N LYS A 187 -20.59 12.84 0.27
CA LYS A 187 -21.53 12.91 1.40
C LYS A 187 -20.92 13.41 2.72
N THR A 188 -19.77 12.88 3.09
N THR A 188 -19.75 12.90 3.04
CA THR A 188 -19.16 13.22 4.38
CA THR A 188 -19.07 13.20 4.29
C THR A 188 -18.62 14.68 4.33
C THR A 188 -18.62 14.66 4.31
N TYR A 189 -18.00 15.08 3.23
CA TYR A 189 -17.39 16.45 3.16
C TYR A 189 -18.31 17.45 2.47
N GLY A 190 -19.43 16.99 1.91
CA GLY A 190 -20.42 17.89 1.25
C GLY A 190 -19.77 18.68 0.11
N MET A 191 -18.79 18.10 -0.62
CA MET A 191 -18.23 18.79 -1.83
C MET A 191 -18.17 17.86 -3.03
N THR A 192 -18.20 18.43 -4.24
CA THR A 192 -18.04 17.69 -5.46
C THR A 192 -17.06 18.52 -6.33
N PHE A 193 -16.03 17.87 -6.86
CA PHE A 193 -15.02 18.51 -7.73
C PHE A 193 -15.59 18.86 -9.09
N GLY A 194 -15.08 19.94 -9.64
CA GLY A 194 -15.48 20.31 -11.00
C GLY A 194 -15.31 19.15 -11.99
N GLY A 195 -14.22 18.41 -11.86
CA GLY A 195 -13.90 17.38 -12.81
C GLY A 195 -13.12 16.29 -12.05
N THR A 196 -13.33 15.05 -12.40
CA THR A 196 -12.54 13.93 -11.87
C THR A 196 -11.88 13.15 -13.00
N TYR A 197 -10.61 12.83 -12.80
CA TYR A 197 -9.88 12.28 -13.96
C TYR A 197 -9.11 11.06 -13.47
N PRO A 198 -9.66 9.86 -13.73
CA PRO A 198 -8.91 8.62 -13.39
C PRO A 198 -7.73 8.32 -14.32
N MET A 199 -6.61 7.85 -13.77
CA MET A 199 -5.39 7.64 -14.54
C MET A 199 -4.55 6.69 -13.70
N GLN A 200 -3.48 6.17 -14.29
CA GLN A 200 -2.55 5.34 -13.52
C GLN A 200 -2.00 6.12 -12.34
N ILE A 201 -1.91 5.49 -11.18
CA ILE A 201 -1.44 6.23 -9.99
C ILE A 201 -0.12 6.94 -10.20
N GLY A 202 0.81 6.29 -10.88
CA GLY A 202 2.15 6.82 -11.04
C GLY A 202 2.20 8.20 -11.73
N LEU A 203 1.15 8.50 -12.48
CA LEU A 203 1.07 9.77 -13.22
C LEU A 203 0.47 10.96 -12.42
N VAL A 204 -0.16 10.71 -11.28
CA VAL A 204 -0.83 11.85 -10.59
C VAL A 204 0.19 12.86 -10.05
N TYR A 205 1.45 12.44 -9.81
CA TYR A 205 2.46 13.30 -9.16
C TYR A 205 2.89 14.40 -10.12
N ASP A 206 3.31 14.01 -11.32
CA ASP A 206 3.60 15.03 -12.36
C ASP A 206 2.34 15.76 -12.82
N ALA A 207 1.17 15.11 -12.77
CA ALA A 207 -0.06 15.81 -13.24
C ALA A 207 -0.33 17.00 -12.33
N VAL A 208 -0.14 16.83 -11.03
CA VAL A 208 -0.40 17.95 -10.15
C VAL A 208 0.80 18.93 -10.20
N LYS A 209 2.00 18.45 -10.41
CA LYS A 209 3.21 19.30 -10.33
C LYS A 209 3.22 20.22 -11.55
N SER A 210 2.79 19.68 -12.70
CA SER A 210 2.77 20.43 -13.95
C SER A 210 1.55 21.35 -14.03
N GLY A 211 0.62 21.23 -13.09
CA GLY A 211 -0.64 21.99 -13.10
C GLY A 211 -1.66 21.51 -14.12
N LYS A 212 -1.54 20.28 -14.63
CA LYS A 212 -2.62 19.66 -15.42
C LYS A 212 -3.82 19.31 -14.55
N MET A 213 -3.53 18.84 -13.33
CA MET A 213 -4.55 18.76 -12.31
C MET A 213 -4.37 19.83 -11.22
N ASP A 214 -5.48 20.15 -10.54
CA ASP A 214 -5.44 21.11 -9.40
C ASP A 214 -5.21 20.39 -8.07
N ILE A 215 -5.71 19.15 -7.99
CA ILE A 215 -5.64 18.38 -6.74
C ILE A 215 -5.57 16.91 -7.17
N VAL A 216 -4.83 16.06 -6.45
CA VAL A 216 -4.83 14.63 -6.79
C VAL A 216 -5.02 13.78 -5.54
N LEU A 217 -5.55 12.58 -5.71
CA LEU A 217 -5.70 11.66 -4.55
C LEU A 217 -4.46 10.72 -4.67
N ALA A 218 -3.43 11.17 -3.94
CA ALA A 218 -2.10 10.53 -4.03
C ALA A 218 -2.02 9.40 -3.06
N TYR A 219 -0.90 8.66 -3.13
CA TYR A 219 -0.66 7.68 -2.12
C TYR A 219 0.49 8.25 -1.24
N SER A 220 0.31 8.21 0.08
CA SER A 220 1.11 8.98 1.00
C SER A 220 2.56 8.48 1.11
N THR A 221 2.82 7.20 0.71
CA THR A 221 4.24 6.77 0.73
C THR A 221 4.99 7.04 -0.57
N ASP A 222 4.35 7.60 -1.60
CA ASP A 222 5.11 7.89 -2.83
C ASP A 222 6.28 8.85 -2.50
N GLY A 223 7.45 8.51 -3.05
CA GLY A 223 8.66 9.31 -2.90
C GLY A 223 8.59 10.67 -3.55
N ARG A 224 7.72 10.81 -4.55
CA ARG A 224 7.66 12.10 -5.28
C ARG A 224 6.92 13.20 -4.57
N ILE A 225 6.21 12.89 -3.49
CA ILE A 225 5.44 13.94 -2.82
C ILE A 225 6.44 14.99 -2.27
N LYS A 226 7.47 14.50 -1.55
CA LYS A 226 8.47 15.40 -0.97
C LYS A 226 9.29 16.03 -2.08
N SER A 227 9.81 15.16 -2.94
N SER A 227 9.85 15.19 -2.97
CA SER A 227 10.66 15.59 -3.98
CA SER A 227 10.75 15.68 -4.02
C SER A 227 10.08 16.74 -4.83
C SER A 227 10.13 16.59 -5.08
N TYR A 228 8.80 16.62 -5.17
CA TYR A 228 8.12 17.48 -6.14
C TYR A 228 7.58 18.72 -5.45
N GLY A 229 7.83 18.81 -4.16
CA GLY A 229 7.37 19.94 -3.34
C GLY A 229 5.85 20.02 -3.21
N LEU A 230 5.20 18.87 -2.99
CA LEU A 230 3.72 18.78 -2.89
C LEU A 230 3.31 18.83 -1.44
N LYS A 231 2.04 19.18 -1.22
N LYS A 231 2.05 19.17 -1.21
CA LYS A 231 1.44 19.32 0.13
CA LYS A 231 1.52 19.22 0.15
C LYS A 231 0.24 18.38 0.30
C LYS A 231 0.29 18.33 0.28
N MET A 232 0.34 17.40 1.23
CA MET A 232 -0.84 16.58 1.59
C MET A 232 -1.78 17.35 2.52
N LEU A 233 -3.08 17.33 2.22
CA LEU A 233 -4.03 18.06 3.04
C LEU A 233 -4.58 17.10 4.09
N LYS A 234 -4.77 17.53 5.34
CA LYS A 234 -5.24 16.68 6.41
C LYS A 234 -6.69 16.22 6.18
N ASP A 235 -6.96 14.95 6.44
CA ASP A 235 -8.30 14.45 6.35
C ASP A 235 -8.94 14.65 7.71
N ASP A 236 -9.33 15.93 7.94
CA ASP A 236 -9.84 16.36 9.24
C ASP A 236 -11.10 15.64 9.69
N LYS A 237 -12.02 15.26 8.75
CA LYS A 237 -13.24 14.53 9.13
C LYS A 237 -13.01 13.00 9.32
N GLN A 238 -11.77 12.56 9.09
CA GLN A 238 -11.39 11.13 9.12
C GLN A 238 -12.30 10.27 8.24
N PHE A 239 -12.51 10.71 6.98
CA PHE A 239 -13.22 9.90 6.00
C PHE A 239 -12.48 8.59 5.70
N PHE A 240 -11.17 8.68 5.60
CA PHE A 240 -10.39 7.48 5.25
C PHE A 240 -10.11 6.58 6.47
N PRO A 241 -10.22 5.25 6.30
CA PRO A 241 -9.69 4.29 7.25
C PRO A 241 -8.13 4.35 7.20
N PRO A 242 -7.47 3.71 8.16
CA PRO A 242 -6.05 3.48 8.06
C PRO A 242 -5.74 2.55 6.93
N TYR A 243 -4.53 2.69 6.40
CA TYR A 243 -4.04 1.78 5.33
C TYR A 243 -2.66 1.23 5.78
N ASP A 244 -2.60 0.71 6.99
CA ASP A 244 -1.36 0.07 7.48
C ASP A 244 -1.07 -1.16 6.61
N CYS A 245 0.21 -1.38 6.28
CA CYS A 245 0.61 -2.37 5.26
C CYS A 245 1.19 -3.60 5.93
N SER A 246 0.72 -4.78 5.49
CA SER A 246 1.21 -6.06 5.99
C SER A 246 1.33 -7.13 4.93
N PRO A 247 2.19 -8.18 5.13
CA PRO A 247 2.13 -9.39 4.33
C PRO A 247 0.95 -10.24 4.80
N VAL A 248 0.45 -11.02 3.86
CA VAL A 248 -0.66 -11.96 4.13
C VAL A 248 -0.30 -13.33 3.57
N VAL A 249 -0.45 -14.46 4.34
CA VAL A 249 -0.03 -15.80 3.93
C VAL A 249 -1.10 -16.82 4.35
N PRO A 250 -1.42 -17.78 3.49
CA PRO A 250 -2.38 -18.87 3.86
C PRO A 250 -1.79 -19.72 5.00
N GLU A 251 -2.64 -20.04 5.99
CA GLU A 251 -2.11 -20.83 7.14
C GLU A 251 -1.52 -22.13 6.64
N LYS A 252 -2.01 -22.69 5.53
CA LYS A 252 -1.50 -23.94 4.97
C LYS A 252 -0.06 -23.83 4.56
N VAL A 253 0.33 -22.64 3.99
CA VAL A 253 1.71 -22.39 3.58
C VAL A 253 2.61 -22.34 4.84
N LEU A 254 2.15 -21.64 5.90
CA LEU A 254 2.93 -21.57 7.12
C LEU A 254 3.12 -22.95 7.79
N LYS A 255 2.05 -23.78 7.78
CA LYS A 255 2.17 -25.16 8.33
C LYS A 255 3.21 -26.00 7.59
N GLU A 256 3.19 -25.95 6.26
CA GLU A 256 4.07 -26.75 5.40
C GLU A 256 5.48 -26.24 5.36
N HIS A 257 5.67 -24.97 5.74
CA HIS A 257 7.04 -24.39 5.79
C HIS A 257 7.21 -23.69 7.09
N PRO A 258 7.45 -24.42 8.16
CA PRO A 258 7.34 -23.88 9.50
C PRO A 258 8.40 -22.85 9.84
N GLU A 259 9.44 -22.72 9.01
CA GLU A 259 10.41 -21.67 9.23
C GLU A 259 9.90 -20.31 8.74
N LEU A 260 8.79 -20.30 7.98
CA LEU A 260 8.48 -18.98 7.35
C LEU A 260 8.05 -17.92 8.34
N GLU A 261 7.25 -18.32 9.33
CA GLU A 261 6.73 -17.35 10.29
C GLU A 261 7.85 -16.53 11.00
N GLY A 262 8.91 -17.20 11.47
CA GLY A 262 9.99 -16.53 12.17
C GLY A 262 10.72 -15.58 11.25
N ILE A 263 10.78 -15.90 9.95
N ILE A 263 10.76 -15.88 9.96
CA ILE A 263 11.46 -15.04 8.94
CA ILE A 263 11.48 -15.02 8.99
C ILE A 263 10.63 -13.79 8.68
C ILE A 263 10.64 -13.78 8.68
N ILE A 264 9.33 -14.00 8.41
CA ILE A 264 8.41 -12.86 8.20
C ILE A 264 8.45 -11.89 9.36
N LYS A 265 8.48 -12.43 10.59
CA LYS A 265 8.48 -11.58 11.79
C LYS A 265 9.64 -10.61 11.81
N LYS A 266 10.75 -10.99 11.17
CA LYS A 266 11.97 -10.12 11.19
C LYS A 266 11.74 -8.77 10.49
N MET A 267 10.73 -8.70 9.58
CA MET A 267 10.45 -7.43 8.87
C MET A 267 9.41 -6.52 9.55
N LEU A 268 8.69 -7.04 10.53
CA LEU A 268 7.55 -6.41 11.06
C LEU A 268 7.90 -5.27 12.02
N GLY A 269 7.20 -4.16 11.83
CA GLY A 269 7.43 -2.96 12.69
C GLY A 269 8.78 -2.29 12.51
N LYS A 270 9.52 -2.58 11.44
CA LYS A 270 10.89 -2.11 11.19
C LYS A 270 10.97 -1.03 10.11
N ILE A 271 9.87 -0.78 9.35
CA ILE A 271 9.95 0.06 8.13
C ILE A 271 8.85 1.10 8.24
N ASP A 272 9.30 2.29 8.69
CA ASP A 272 8.38 3.36 8.89
C ASP A 272 8.02 4.11 7.60
N THR A 273 6.97 4.97 7.66
CA THR A 273 6.52 5.68 6.44
C THR A 273 7.65 6.50 5.80
N ALA A 274 8.48 7.21 6.57
CA ALA A 274 9.57 7.98 5.96
C ALA A 274 10.51 7.11 5.17
N THR A 275 10.84 5.94 5.73
CA THR A 275 11.68 4.98 5.06
C THR A 275 11.08 4.45 3.76
N MET A 276 9.80 4.04 3.82
CA MET A 276 9.14 3.54 2.63
C MET A 276 9.12 4.63 1.53
N GLN A 277 8.95 5.91 1.92
CA GLN A 277 8.99 6.99 0.94
C GLN A 277 10.36 7.03 0.31
N GLU A 278 11.44 6.90 1.10
CA GLU A 278 12.83 7.00 0.56
C GLU A 278 13.06 5.80 -0.42
N LEU A 279 12.55 4.60 -0.06
CA LEU A 279 12.71 3.38 -0.87
C LEU A 279 11.96 3.55 -2.20
N ASN A 280 10.73 4.01 -2.11
CA ASN A 280 9.98 4.32 -3.36
C ASN A 280 10.70 5.31 -4.22
N TYR A 281 11.27 6.37 -3.61
CA TYR A 281 12.01 7.38 -4.40
C TYR A 281 13.20 6.72 -5.11
N GLU A 282 13.87 5.75 -4.49
CA GLU A 282 15.02 5.09 -5.18
C GLU A 282 14.59 4.44 -6.52
N VAL A 283 13.40 3.83 -6.54
CA VAL A 283 12.85 3.28 -7.77
C VAL A 283 12.39 4.37 -8.72
N ASP A 284 11.48 5.24 -8.27
CA ASP A 284 10.74 6.16 -9.16
C ASP A 284 11.53 7.42 -9.49
N GLY A 285 12.41 7.81 -8.59
CA GLY A 285 13.26 9.00 -8.75
C GLY A 285 14.73 8.71 -9.11
N ASN A 286 15.33 7.69 -8.49
CA ASN A 286 16.74 7.38 -8.78
C ASN A 286 16.89 6.27 -9.84
N LEU A 287 15.75 5.81 -10.37
CA LEU A 287 15.72 4.83 -11.47
C LEU A 287 16.47 3.51 -11.16
N LYS A 288 16.33 3.04 -9.92
CA LYS A 288 16.89 1.76 -9.58
C LYS A 288 15.82 0.65 -9.69
N GLU A 289 16.26 -0.58 -9.98
CA GLU A 289 15.41 -1.80 -9.97
C GLU A 289 14.90 -2.06 -8.54
N PRO A 290 13.60 -2.33 -8.39
CA PRO A 290 13.15 -2.66 -7.06
C PRO A 290 14.03 -3.73 -6.35
N SER A 291 14.47 -4.78 -7.03
CA SER A 291 15.39 -5.74 -6.40
C SER A 291 16.69 -5.16 -5.84
N VAL A 292 17.25 -4.20 -6.57
CA VAL A 292 18.51 -3.50 -6.11
C VAL A 292 18.23 -2.62 -4.90
N VAL A 293 17.09 -1.94 -4.93
CA VAL A 293 16.70 -1.08 -3.77
C VAL A 293 16.53 -1.99 -2.56
N ALA A 294 15.81 -3.09 -2.75
CA ALA A 294 15.62 -4.03 -1.65
C ALA A 294 16.96 -4.60 -1.10
N LYS A 295 17.86 -4.99 -2.02
CA LYS A 295 19.13 -5.58 -1.57
C LYS A 295 19.97 -4.50 -0.82
N GLU A 296 20.05 -3.26 -1.30
CA GLU A 296 20.89 -2.24 -0.63
C GLU A 296 20.32 -1.93 0.76
N TYR A 297 18.98 -1.94 0.89
CA TYR A 297 18.34 -1.73 2.22
C TYR A 297 18.71 -2.85 3.16
N LEU A 298 18.61 -4.07 2.71
CA LEU A 298 18.96 -5.24 3.53
C LEU A 298 20.43 -5.17 3.90
N GLU A 299 21.33 -4.82 2.98
CA GLU A 299 22.74 -4.73 3.40
C GLU A 299 22.96 -3.60 4.41
N LYS A 300 22.41 -2.40 4.19
CA LYS A 300 22.55 -1.23 5.12
C LYS A 300 22.11 -1.64 6.52
N HIS A 301 21.02 -2.42 6.59
CA HIS A 301 20.47 -2.80 7.91
C HIS A 301 20.79 -4.21 8.36
N ARG A 302 21.77 -4.82 7.70
N ARG A 302 21.76 -4.82 7.69
CA ARG A 302 22.33 -6.15 8.09
CA ARG A 302 22.30 -6.11 8.13
C ARG A 302 21.21 -7.20 8.19
C ARG A 302 21.15 -7.11 8.27
N TYR A 303 20.23 -7.11 7.29
CA TYR A 303 19.17 -8.10 7.24
C TYR A 303 18.35 -8.18 8.53
N PHE A 304 18.30 -7.05 9.24
CA PHE A 304 17.45 -6.86 10.43
C PHE A 304 17.99 -7.47 11.69
N GLU A 305 19.23 -7.92 11.70
CA GLU A 305 19.82 -8.36 12.99
C GLU A 305 21.29 -8.04 12.93
N SER A 306 21.82 -7.26 13.85
CA SER A 306 23.26 -7.12 13.82
C SER A 306 23.98 -7.53 15.10
S DQY B . -4.09 2.52 -0.75
C1 DQY B . -4.47 -0.26 -2.61
O1 DQY B . -4.79 -0.28 -1.41
C2 DQY B . -3.86 1.04 -3.15
O2 DQY B . -4.57 -1.20 -3.37
C3 DQY B . -4.53 2.30 -2.49
CM1 DQY B . -2.62 1.61 -0.61
CM2 DQY B . -3.65 4.23 -1.06
#